data_8VFB
#
_entry.id   8VFB
#
_cell.length_a   53.854
_cell.length_b   79.307
_cell.length_c   54.702
_cell.angle_alpha   90.000
_cell.angle_beta   108.880
_cell.angle_gamma   90.000
#
_symmetry.space_group_name_H-M   'P 1 21 1'
#
loop_
_entity.id
_entity.type
_entity.pdbx_description
1 polymer "DNA (5'-D(*CP*CP*GP*AP*CP*CP*(FAP)P*CP*GP*CP*AP*TP*CP*AP*GP*C)-3')"
2 polymer "DNA (5'-D(*GP*CP*TP*GP*AP*TP*GP*CP*GP*A)-3')"
3 polymer "DNA (5'-D(P*GP*TP*CP*GP*G)-3')"
4 polymer 'DNA polymerase beta'
5 non-polymer 'PHOSPHOMETHYLPHOSPHONIC ACID GUANYLATE ESTER'
6 non-polymer 'SODIUM ION'
7 non-polymer 'MANGANESE (II) ION'
8 water water
#
loop_
_entity_poly.entity_id
_entity_poly.type
_entity_poly.pdbx_seq_one_letter_code
_entity_poly.pdbx_strand_id
1 'polydeoxyribonucleotide' (DC)(DC)(DG)(DA)(DC)(DC)(8NI)(DC)(DG)(DC)(DA)(DT)(DC)(DA)(DG)(DC) T
2 'polydeoxyribonucleotide' (DG)(DC)(DT)(DG)(DA)(DT)(DG)(DC)(DG)(DA) P
3 'polydeoxyribonucleotide' (DG)(DT)(DC)(DG)(DG) D
4 'polypeptide(L)'
;MSKRKAPQETLNGGITDMLTELANFEKNVSQAIHKYNAYRKAASVIAKYPHKIKSGAEAKKLPGVGTKIAEKIDEFLATG
KLRKLEKIRQDDTSSSINFLTRVSGIGPSAARKFVDEGIKTLEDLRKNEDKLNHHQRIGLKYFGDFEKRIPREEMLQMQD
IVLNEVKKVDSEYIATVCGSFRRGAESSGDMDVLLTHPSFTSESTKQPKLLHQVVEQLQKVHFITDTLSKGETKFMGVCQ
LPSKNDEKEYPHRRIDIRLIPKDQYYCGVLYFTGSDIFNKNMRAHALEKGFTINEYTIRPLGVTGVAGEPLPVDSEKDIF
DYIQWKYREPKDRSE
;
A
#
loop_
_chem_comp.id
_chem_comp.type
_chem_comp.name
_chem_comp.formula
8NI DNA linking N-[(5S)-2-amino-5-formamido-6-oxo-5,6-dihydropyrimidin-4-yl]-2-deoxy-5-O-phosphono-beta-D-erythro-pentofuranosylamine 'C10 H16 N5 O8 P'
DA DNA linking 2'-DEOXYADENOSINE-5'-MONOPHOSPHATE 'C10 H14 N5 O6 P'
DC DNA linking 2'-DEOXYCYTIDINE-5'-MONOPHOSPHATE 'C9 H14 N3 O7 P'
DG DNA linking 2'-DEOXYGUANOSINE-5'-MONOPHOSPHATE 'C10 H14 N5 O7 P'
DT DNA linking THYMIDINE-5'-MONOPHOSPHATE 'C10 H15 N2 O8 P'
G2P non-polymer 'PHOSPHOMETHYLPHOSPHONIC ACID GUANYLATE ESTER' 'C11 H18 N5 O13 P3'
MN non-polymer 'MANGANESE (II) ION' 'Mn 2'
NA non-polymer 'SODIUM ION' 'Na 1'
#
# COMPACT_ATOMS: atom_id res chain seq x y z
C5 8NI A 7 -9.91 0.73 -5.67
C5 8NI A 7 -9.70 0.64 -5.25
C4 8NI A 7 -10.87 0.60 -4.72
C4 8NI A 7 -10.95 0.54 -4.75
N2 8NI A 7 -9.07 1.44 -1.71
N2 8NI A 7 -10.32 0.31 -1.18
N7 8NI A 7 -10.19 0.49 -7.07
N7 8NI A 7 -9.56 0.73 -6.69
C8 8NI A 7 -10.36 1.58 -8.00
C8 8NI A 7 -8.73 1.71 -7.38
C1' 8NI A 7 -12.62 -0.70 -6.01
C1' 8NI A 7 -12.66 -0.56 -6.21
C2 8NI A 7 -9.35 1.20 -3.11
C2 8NI A 7 -10.10 0.42 -2.61
C2' 8NI A 7 -14.09 -0.42 -6.20
C2' 8NI A 7 -14.14 -0.33 -6.17
C3' 8NI A 7 -14.66 -1.18 -5.06
C3' 8NI A 7 -14.60 -1.14 -5.03
C4' 8NI A 7 -13.79 -2.38 -4.91
C4' 8NI A 7 -13.60 -2.25 -4.89
C5' 8NI A 7 -14.36 -3.57 -5.68
C5' 8NI A 7 -14.03 -3.46 -5.71
C6 8NI A 7 -8.66 1.11 -5.31
C6 8NI A 7 -8.64 0.61 -4.39
N1 8NI A 7 -8.37 1.33 -4.03
N1 8NI A 7 -8.85 0.50 -3.10
N3 8NI A 7 -10.58 0.83 -3.46
N3 8NI A 7 -11.16 0.45 -3.46
N9 8NI A 7 -12.23 0.22 -5.01
N9 8NI A 7 -12.06 0.59 -5.65
O3' 8NI A 7 -14.63 -0.40 -3.87
O3' 8NI A 7 -14.61 -0.37 -3.85
O4' 8NI A 7 -12.52 -2.03 -5.47
O4' 8NI A 7 -12.38 -1.72 -5.41
O5' 8NI A 7 -15.11 -3.12 -6.78
O5' 8NI A 7 -14.99 -3.11 -6.66
O6 8NI A 7 -7.82 1.23 -6.12
O6 8NI A 7 -7.53 0.67 -4.79
O8 8NI A 7 -10.29 2.70 -7.61
O8 8NI A 7 -8.10 2.50 -6.79
OP1 8NI A 7 -16.00 -5.20 -8.22
OP1 8NI A 7 -16.03 -5.07 -8.18
OP2 8NI A 7 -15.27 -2.90 -9.48
OP2 8NI A 7 -15.22 -2.76 -9.36
P 8NI A 7 -14.98 -3.91 -8.21
P 8NI A 7 -14.95 -3.83 -8.14
N THR D 10 18.12 -13.06 -9.59
CA THR D 10 17.64 -13.95 -10.68
C THR D 10 16.10 -13.91 -10.82
N LEU D 11 15.52 -15.01 -11.31
CA LEU D 11 14.05 -15.19 -11.39
C LEU D 11 13.50 -14.24 -12.46
N ASN D 12 14.07 -14.29 -13.67
CA ASN D 12 13.66 -13.35 -14.75
C ASN D 12 13.70 -11.94 -14.14
N GLY D 13 14.65 -11.69 -13.24
CA GLY D 13 14.74 -10.38 -12.55
C GLY D 13 15.00 -9.25 -13.50
N GLY D 14 15.75 -9.53 -14.55
CA GLY D 14 16.03 -8.52 -15.56
C GLY D 14 14.76 -8.01 -16.18
N ILE D 15 13.91 -8.92 -16.65
CA ILE D 15 12.64 -8.46 -17.19
C ILE D 15 11.80 -7.76 -16.13
N THR D 16 11.58 -8.41 -14.99
CA THR D 16 10.63 -7.89 -14.03
C THR D 16 11.03 -6.50 -13.52
N ASP D 17 12.33 -6.23 -13.38
CA ASP D 17 12.75 -4.87 -13.08
C ASP D 17 12.32 -3.92 -14.20
N MET D 18 12.82 -4.17 -15.42
CA MET D 18 12.45 -3.38 -16.59
C MET D 18 10.97 -3.10 -16.64
N LEU D 19 10.16 -4.14 -16.48
CA LEU D 19 8.73 -3.89 -16.47
C LEU D 19 8.37 -2.94 -15.34
N THR D 20 8.71 -3.31 -14.09
CA THR D 20 8.41 -2.44 -12.96
C THR D 20 8.86 -1.01 -13.22
N GLU D 21 10.07 -0.84 -13.77
CA GLU D 21 10.51 0.51 -14.09
C GLU D 21 9.58 1.15 -15.12
N LEU D 22 9.28 0.44 -16.21
CA LEU D 22 8.29 0.95 -17.16
C LEU D 22 6.98 1.32 -16.47
N ALA D 23 6.58 0.59 -15.44
CA ALA D 23 5.31 0.89 -14.80
C ALA D 23 5.39 2.21 -14.06
N ASN D 24 6.43 2.38 -13.23
CA ASN D 24 6.56 3.60 -12.45
C ASN D 24 6.61 4.84 -13.32
N PHE D 25 7.11 4.71 -14.56
CA PHE D 25 7.09 5.87 -15.43
C PHE D 25 5.69 6.11 -15.97
N GLU D 26 4.88 5.07 -16.13
CA GLU D 26 3.51 5.25 -16.62
C GLU D 26 2.64 5.94 -15.57
N LYS D 27 2.74 5.52 -14.31
CA LYS D 27 1.97 6.17 -13.26
C LYS D 27 2.48 7.59 -13.04
N ASN D 28 3.75 7.71 -12.74
CA ASN D 28 4.25 8.98 -12.24
C ASN D 28 4.39 10.02 -13.34
N VAL D 29 4.78 9.62 -14.55
CA VAL D 29 5.09 10.58 -15.60
C VAL D 29 4.00 10.61 -16.64
N SER D 30 3.58 9.44 -17.10
CA SER D 30 2.57 9.38 -18.14
C SER D 30 1.17 9.56 -17.60
N GLN D 31 1.00 9.48 -16.28
CA GLN D 31 -0.31 9.48 -15.66
C GLN D 31 -1.23 8.53 -16.40
N ALA D 32 -0.69 7.36 -16.73
CA ALA D 32 -1.43 6.32 -17.44
C ALA D 32 -1.60 5.15 -16.48
N ILE D 33 -2.62 5.24 -15.65
CA ILE D 33 -2.69 4.35 -14.48
C ILE D 33 -2.84 2.91 -14.92
N HIS D 34 -3.60 2.68 -16.00
CA HIS D 34 -3.90 1.32 -16.45
C HIS D 34 -2.71 0.69 -17.17
N LYS D 35 -1.93 1.49 -17.88
CA LYS D 35 -0.69 0.92 -18.47
C LYS D 35 0.25 0.57 -17.32
N TYR D 36 0.30 1.39 -16.28
CA TYR D 36 1.08 1.00 -15.11
C TYR D 36 0.63 -0.36 -14.58
N ASN D 37 -0.67 -0.52 -14.35
CA ASN D 37 -1.17 -1.80 -13.87
C ASN D 37 -0.79 -2.94 -14.82
N ALA D 38 -0.99 -2.73 -16.14
CA ALA D 38 -0.65 -3.76 -17.12
C ALA D 38 0.78 -4.21 -16.98
N TYR D 39 1.72 -3.26 -17.04
CA TYR D 39 3.12 -3.57 -16.80
C TYR D 39 3.30 -4.31 -15.47
N ARG D 40 2.88 -3.78 -14.33
CA ARG D 40 3.19 -4.48 -13.04
C ARG D 40 2.71 -5.92 -13.12
N LYS D 41 1.51 -6.14 -13.68
CA LYS D 41 0.81 -7.40 -13.92
C LYS D 41 1.74 -8.34 -14.68
N ALA D 42 2.05 -8.00 -15.92
CA ALA D 42 2.95 -8.83 -16.72
C ALA D 42 4.14 -9.16 -15.84
N ALA D 43 4.63 -8.16 -15.10
CA ALA D 43 5.75 -8.36 -14.16
C ALA D 43 5.39 -9.41 -13.12
N SER D 44 4.27 -9.26 -12.41
CA SER D 44 4.02 -10.28 -11.38
C SER D 44 3.85 -11.67 -12.00
N VAL D 45 3.29 -11.76 -13.20
CA VAL D 45 3.13 -13.06 -13.86
C VAL D 45 4.49 -13.64 -14.24
N ILE D 46 5.24 -12.94 -15.12
CA ILE D 46 6.62 -13.34 -15.47
C ILE D 46 7.39 -13.77 -14.23
N ALA D 47 7.11 -13.14 -13.09
CA ALA D 47 7.76 -13.49 -11.84
C ALA D 47 7.38 -14.90 -11.36
N LYS D 48 6.17 -15.34 -11.65
CA LYS D 48 5.74 -16.68 -11.25
C LYS D 48 6.12 -17.73 -12.28
N TYR D 49 6.19 -17.37 -13.55
CA TYR D 49 6.68 -18.27 -14.60
C TYR D 49 7.94 -18.97 -14.10
N PRO D 50 7.97 -20.22 -14.33
CA PRO D 50 9.16 -20.79 -13.71
C PRO D 50 10.54 -20.83 -14.40
N HIS D 51 10.50 -20.49 -15.67
CA HIS D 51 11.58 -20.73 -16.62
C HIS D 51 12.34 -19.43 -16.87
N LYS D 52 13.59 -19.54 -17.29
CA LYS D 52 14.29 -18.37 -17.83
C LYS D 52 13.69 -18.06 -19.19
N ILE D 53 12.93 -16.97 -19.30
CA ILE D 53 12.41 -16.56 -20.60
C ILE D 53 13.57 -16.28 -21.55
N LYS D 54 13.55 -16.95 -22.69
CA LYS D 54 14.61 -16.74 -23.70
C LYS D 54 14.03 -16.11 -24.96
N SER D 55 12.82 -15.55 -24.89
CA SER D 55 12.19 -15.02 -26.13
C SER D 55 10.94 -14.20 -25.84
N GLY D 56 10.80 -13.06 -26.52
CA GLY D 56 9.58 -12.29 -26.39
C GLY D 56 8.35 -13.12 -26.72
N ALA D 57 8.38 -13.82 -27.85
CA ALA D 57 7.29 -14.73 -28.20
C ALA D 57 6.99 -15.69 -27.06
N GLU D 58 8.02 -16.24 -26.42
CA GLU D 58 7.77 -17.13 -25.30
C GLU D 58 6.98 -16.42 -24.21
N ALA D 59 7.45 -15.25 -23.79
CA ALA D 59 6.71 -14.51 -22.79
C ALA D 59 5.30 -14.20 -23.26
N LYS D 60 5.11 -14.01 -24.57
CA LYS D 60 3.77 -13.65 -25.12
C LYS D 60 2.74 -14.75 -24.86
N LYS D 61 3.20 -15.99 -24.63
CA LYS D 61 2.29 -17.08 -24.29
C LYS D 61 1.59 -16.80 -22.98
N LEU D 62 2.29 -16.18 -22.05
CA LEU D 62 1.72 -15.90 -20.74
C LEU D 62 0.57 -14.90 -20.82
N PRO D 63 -0.37 -14.97 -19.88
CA PRO D 63 -1.43 -13.96 -19.81
C PRO D 63 -0.88 -12.68 -19.20
N GLY D 64 -1.39 -11.57 -19.68
CA GLY D 64 -0.88 -10.28 -19.28
C GLY D 64 0.25 -9.78 -20.14
N VAL D 65 0.91 -10.66 -20.91
CA VAL D 65 1.97 -10.27 -21.83
C VAL D 65 1.38 -10.21 -23.22
N GLY D 66 1.30 -9.00 -23.76
CA GLY D 66 0.94 -8.79 -25.12
C GLY D 66 2.14 -8.51 -25.97
N THR D 67 1.89 -7.86 -27.10
CA THR D 67 2.93 -7.63 -28.10
C THR D 67 3.98 -6.66 -27.57
N LYS D 68 3.54 -5.46 -27.18
CA LYS D 68 4.49 -4.41 -26.82
C LYS D 68 5.51 -4.91 -25.79
N ILE D 69 5.02 -5.47 -24.67
CA ILE D 69 5.92 -6.05 -23.69
C ILE D 69 6.76 -7.16 -24.32
N ALA D 70 6.18 -7.91 -25.26
CA ALA D 70 6.97 -8.94 -25.91
C ALA D 70 8.07 -8.33 -26.77
N GLU D 71 7.75 -7.24 -27.49
CA GLU D 71 8.77 -6.47 -28.19
C GLU D 71 9.87 -6.02 -27.23
N LYS D 72 9.49 -5.55 -26.05
CA LYS D 72 10.49 -5.01 -25.13
C LYS D 72 11.38 -6.11 -24.59
N ILE D 73 10.84 -7.30 -24.35
CA ILE D 73 11.66 -8.40 -23.86
C ILE D 73 12.74 -8.75 -24.88
N ASP D 74 12.40 -8.66 -26.17
CA ASP D 74 13.40 -8.90 -27.20
C ASP D 74 14.53 -7.90 -27.08
N GLU D 75 14.22 -6.59 -27.14
CA GLU D 75 15.27 -5.58 -27.08
C GLU D 75 16.12 -5.76 -25.84
N PHE D 76 15.49 -6.13 -24.72
CA PHE D 76 16.24 -6.38 -23.50
C PHE D 76 17.13 -7.63 -23.62
N LEU D 77 16.53 -8.79 -23.93
CA LEU D 77 17.33 -10.01 -24.06
C LEU D 77 18.46 -9.84 -25.06
N ALA D 78 18.26 -9.02 -26.09
CA ALA D 78 19.22 -8.93 -27.19
C ALA D 78 20.33 -7.92 -26.91
N THR D 79 20.07 -6.91 -26.07
CA THR D 79 21.01 -5.80 -25.85
C THR D 79 21.30 -5.54 -24.39
N GLY D 80 20.82 -6.38 -23.49
CA GLY D 80 20.88 -6.09 -22.06
C GLY D 80 20.55 -4.67 -21.69
N LYS D 81 19.51 -4.10 -22.31
CA LYS D 81 19.20 -2.69 -22.10
C LYS D 81 17.88 -2.38 -22.79
N LEU D 82 17.22 -1.32 -22.33
CA LEU D 82 15.94 -0.91 -22.92
C LEU D 82 16.12 0.56 -23.28
N ARG D 83 16.39 0.82 -24.56
CA ARG D 83 16.80 2.16 -24.97
C ARG D 83 15.77 3.21 -24.56
N LYS D 84 14.52 2.78 -24.41
CA LYS D 84 13.49 3.74 -23.95
C LYS D 84 13.81 4.11 -22.50
N LEU D 85 13.97 3.10 -21.67
CA LEU D 85 14.29 3.30 -20.26
C LEU D 85 15.53 4.16 -20.08
N GLU D 86 16.61 3.80 -20.79
CA GLU D 86 17.78 4.65 -20.90
C GLU D 86 17.49 6.13 -21.11
N LYS D 87 16.77 6.44 -22.19
CA LYS D 87 16.39 7.83 -22.41
C LYS D 87 15.64 8.40 -21.22
N ILE D 88 14.74 7.62 -20.63
CA ILE D 88 13.89 8.17 -19.53
C ILE D 88 14.76 8.46 -18.30
N ARG D 89 15.71 7.60 -17.99
CA ARG D 89 16.53 7.82 -16.81
C ARG D 89 17.40 9.05 -16.91
N GLN D 90 17.92 9.34 -18.11
CA GLN D 90 18.70 10.57 -18.31
C GLN D 90 17.84 11.81 -18.20
N ASP D 91 16.57 11.72 -18.56
CA ASP D 91 15.77 12.90 -18.82
C ASP D 91 15.57 13.68 -17.54
N ASP D 92 16.09 14.92 -17.48
CA ASP D 92 16.02 15.69 -16.23
C ASP D 92 14.58 15.80 -15.78
N THR D 93 13.69 16.24 -16.67
CA THR D 93 12.30 16.46 -16.28
C THR D 93 11.70 15.18 -15.71
N SER D 94 11.69 14.12 -16.52
CA SER D 94 11.03 12.88 -16.11
C SER D 94 11.71 12.25 -14.90
N SER D 95 13.03 12.36 -14.80
CA SER D 95 13.74 11.83 -13.62
C SER D 95 13.25 12.52 -12.35
N SER D 96 12.89 13.79 -12.44
CA SER D 96 12.49 14.59 -11.26
C SER D 96 11.04 14.31 -10.88
N ILE D 97 10.16 14.44 -11.85
CA ILE D 97 8.72 14.13 -11.63
C ILE D 97 8.67 12.75 -10.98
N ASN D 98 9.48 11.82 -11.49
CA ASN D 98 9.45 10.48 -10.91
C ASN D 98 9.97 10.47 -9.50
N PHE D 99 11.06 11.19 -9.26
CA PHE D 99 11.63 11.19 -7.92
C PHE D 99 10.62 11.76 -6.94
N LEU D 100 10.17 13.01 -7.17
CA LEU D 100 9.30 13.69 -6.20
C LEU D 100 8.09 12.87 -5.82
N THR D 101 7.63 11.98 -6.69
CA THR D 101 6.52 11.12 -6.30
C THR D 101 6.83 10.42 -4.99
N ARG D 102 8.11 10.09 -4.78
CA ARG D 102 8.56 9.39 -3.58
C ARG D 102 8.27 10.16 -2.29
N VAL D 103 7.84 11.40 -2.38
CA VAL D 103 7.40 12.13 -1.16
C VAL D 103 5.89 11.92 -0.99
N SER D 104 5.48 11.29 0.09
CA SER D 104 4.06 11.06 0.38
C SER D 104 3.31 12.37 0.41
N GLY D 105 2.20 12.42 -0.34
CA GLY D 105 1.47 13.64 -0.59
C GLY D 105 1.75 14.23 -1.95
N ILE D 106 2.80 13.74 -2.59
CA ILE D 106 3.11 14.14 -3.97
C ILE D 106 2.82 12.96 -4.89
N GLY D 107 1.69 12.99 -5.60
CA GLY D 107 1.36 12.02 -6.60
C GLY D 107 1.99 12.47 -7.91
N PRO D 108 1.53 11.92 -9.05
CA PRO D 108 2.07 12.38 -10.34
C PRO D 108 1.68 13.81 -10.65
N SER D 109 0.52 14.23 -10.18
CA SER D 109 -0.05 15.51 -10.57
C SER D 109 0.72 16.69 -9.95
N ALA D 110 1.02 16.61 -8.65
CA ALA D 110 1.82 17.65 -8.03
C ALA D 110 3.28 17.56 -8.47
N ALA D 111 3.86 16.35 -8.45
CA ALA D 111 5.19 16.14 -9.04
C ALA D 111 5.39 16.98 -10.30
N ARG D 112 4.40 17.00 -11.18
CA ARG D 112 4.58 17.71 -12.44
C ARG D 112 4.44 19.21 -12.27
N LYS D 113 3.52 19.66 -11.42
CA LYS D 113 3.50 21.08 -11.07
C LYS D 113 4.87 21.51 -10.56
N PHE D 114 5.41 20.76 -9.61
CA PHE D 114 6.67 21.14 -8.96
C PHE D 114 7.81 21.23 -9.97
N VAL D 115 7.90 20.26 -10.88
CA VAL D 115 8.98 20.29 -11.86
C VAL D 115 8.74 21.38 -12.90
N ASP D 116 7.48 21.67 -13.21
CA ASP D 116 7.20 22.76 -14.12
C ASP D 116 7.78 24.06 -13.60
N GLU D 117 7.57 24.35 -12.32
CA GLU D 117 8.15 25.51 -11.68
C GLU D 117 9.60 25.33 -11.28
N GLY D 118 10.26 24.31 -11.82
CA GLY D 118 11.65 24.11 -11.59
C GLY D 118 11.95 23.48 -10.27
N ILE D 119 11.00 23.41 -9.33
CA ILE D 119 11.22 22.63 -8.12
C ILE D 119 11.43 21.20 -8.58
N LYS D 120 12.60 20.62 -8.29
CA LYS D 120 12.91 19.24 -8.73
C LYS D 120 13.58 18.37 -7.69
N THR D 121 13.98 18.90 -6.55
CA THR D 121 14.72 18.13 -5.57
C THR D 121 14.14 18.31 -4.17
N LEU D 122 14.59 17.44 -3.27
CA LEU D 122 14.25 17.65 -1.87
C LEU D 122 14.74 19.03 -1.41
N GLU D 123 15.99 19.39 -1.74
CA GLU D 123 16.43 20.73 -1.37
C GLU D 123 15.46 21.78 -1.89
N ASP D 124 15.03 21.66 -3.14
CA ASP D 124 14.11 22.66 -3.67
C ASP D 124 12.78 22.62 -2.94
N LEU D 125 12.35 21.45 -2.47
CA LEU D 125 11.11 21.37 -1.72
C LEU D 125 11.22 22.10 -0.40
N ARG D 126 12.27 21.78 0.38
CA ARG D 126 12.48 22.41 1.69
C ARG D 126 12.37 23.91 1.58
N LYS D 127 13.00 24.53 0.60
CA LYS D 127 12.94 26.01 0.56
C LYS D 127 11.75 26.46 -0.28
N ASN D 128 10.66 25.71 -0.21
CA ASN D 128 9.39 26.02 -0.91
C ASN D 128 8.24 25.56 -0.01
N GLU D 129 8.52 25.40 1.29
CA GLU D 129 7.50 25.00 2.24
C GLU D 129 6.10 25.58 2.16
N ASP D 130 5.99 26.84 1.72
CA ASP D 130 4.69 27.45 1.50
C ASP D 130 3.93 26.77 0.38
N LYS D 131 4.65 26.28 -0.63
CA LYS D 131 4.03 25.62 -1.80
C LYS D 131 3.68 24.15 -1.51
N LEU D 132 3.78 23.73 -0.26
CA LEU D 132 3.48 22.37 0.13
C LEU D 132 2.25 22.38 1.02
N ASN D 133 1.23 21.60 0.67
CA ASN D 133 0.15 21.39 1.60
C ASN D 133 0.65 20.58 2.79
N HIS D 134 -0.24 20.42 3.77
CA HIS D 134 0.18 19.83 5.05
C HIS D 134 0.81 18.48 4.85
N HIS D 135 0.16 17.62 4.06
CA HIS D 135 0.66 16.25 3.89
C HIS D 135 2.08 16.25 3.33
N GLN D 136 2.26 16.85 2.15
CA GLN D 136 3.58 16.97 1.55
C GLN D 136 4.64 17.55 2.49
N ARG D 137 4.24 18.26 3.54
N ARG D 137 4.21 18.40 3.43
CA ARG D 137 5.28 18.86 4.41
CA ARG D 137 5.17 18.93 4.45
C ARG D 137 5.77 17.78 5.36
C ARG D 137 5.73 17.75 5.24
N ILE D 138 4.84 16.94 5.81
CA ILE D 138 5.26 15.76 6.57
C ILE D 138 6.06 14.83 5.67
N GLY D 139 5.60 14.63 4.44
CA GLY D 139 6.28 13.68 3.57
C GLY D 139 7.73 14.02 3.37
N LEU D 140 8.02 15.32 3.25
CA LEU D 140 9.40 15.75 3.13
C LEU D 140 10.12 15.56 4.45
N LYS D 141 9.52 16.04 5.55
CA LYS D 141 10.19 16.04 6.85
C LYS D 141 10.59 14.63 7.30
N TYR D 142 9.85 13.60 6.86
CA TYR D 142 10.19 12.21 7.15
C TYR D 142 10.51 11.42 5.89
N PHE D 143 11.07 12.07 4.87
CA PHE D 143 11.31 11.34 3.62
C PHE D 143 12.17 10.12 3.87
N GLY D 144 13.26 10.29 4.61
CA GLY D 144 14.08 9.15 4.98
C GLY D 144 13.30 8.07 5.69
N ASP D 145 12.80 8.38 6.89
CA ASP D 145 12.23 7.36 7.77
C ASP D 145 11.16 6.55 7.04
N PHE D 146 10.34 7.20 6.25
CA PHE D 146 9.19 6.51 5.70
C PHE D 146 9.59 5.50 4.65
N GLU D 147 10.79 5.64 4.07
CA GLU D 147 11.27 4.62 3.16
C GLU D 147 12.01 3.51 3.89
N LYS D 148 12.50 3.77 5.09
CA LYS D 148 13.05 2.69 5.91
C LYS D 148 11.98 1.63 6.19
N ARG D 149 12.41 0.39 6.11
CA ARG D 149 11.62 -0.75 6.57
C ARG D 149 11.62 -0.83 8.08
N ILE D 150 10.57 -1.41 8.65
CA ILE D 150 10.44 -1.50 10.09
C ILE D 150 10.51 -2.98 10.46
N PRO D 151 11.44 -3.38 11.32
CA PRO D 151 11.60 -4.81 11.60
C PRO D 151 10.42 -5.34 12.40
N ARG D 152 10.11 -6.63 12.21
CA ARG D 152 9.00 -7.22 12.94
C ARG D 152 9.15 -7.01 14.44
N GLU D 153 10.39 -7.10 14.95
CA GLU D 153 10.62 -6.82 16.37
C GLU D 153 10.06 -5.46 16.74
N GLU D 154 10.15 -4.50 15.83
CA GLU D 154 9.56 -3.23 16.14
C GLU D 154 8.05 -3.28 15.96
N MET D 155 7.59 -3.96 14.90
CA MET D 155 6.13 -4.13 14.68
C MET D 155 5.49 -4.61 15.99
N LEU D 156 6.10 -5.60 16.64
CA LEU D 156 5.61 -6.09 17.92
C LEU D 156 5.59 -5.00 18.98
N GLN D 157 6.73 -4.35 19.23
CA GLN D 157 6.72 -3.18 20.11
C GLN D 157 5.59 -2.23 19.70
N MET D 158 5.50 -1.99 18.39
CA MET D 158 4.40 -1.13 17.88
C MET D 158 3.05 -1.78 18.22
N GLN D 159 2.94 -3.11 18.12
CA GLN D 159 1.62 -3.67 18.39
C GLN D 159 1.26 -3.49 19.86
N ASP D 160 2.18 -3.80 20.79
CA ASP D 160 1.89 -3.71 22.23
C ASP D 160 1.28 -2.37 22.58
N ILE D 161 1.92 -1.29 22.14
CA ILE D 161 1.50 0.05 22.51
C ILE D 161 0.07 0.30 22.09
N VAL D 162 -0.27 -0.11 20.86
CA VAL D 162 -1.59 0.17 20.29
C VAL D 162 -2.68 -0.63 20.99
N LEU D 163 -2.50 -1.94 21.06
CA LEU D 163 -3.41 -2.77 21.83
C LEU D 163 -3.52 -2.29 23.27
N ASN D 164 -2.39 -1.99 23.92
CA ASN D 164 -2.43 -1.50 25.30
C ASN D 164 -3.25 -0.22 25.44
N GLU D 165 -2.97 0.76 24.57
CA GLU D 165 -3.62 2.07 24.70
C GLU D 165 -5.08 2.02 24.29
N VAL D 166 -5.41 1.22 23.28
CA VAL D 166 -6.79 1.14 22.82
C VAL D 166 -7.68 0.57 23.91
N LYS D 167 -7.24 -0.50 24.57
CA LYS D 167 -8.04 -1.07 25.64
C LYS D 167 -8.10 -0.10 26.82
N LYS D 168 -7.03 0.67 27.06
CA LYS D 168 -7.10 1.72 28.08
C LYS D 168 -8.22 2.71 27.82
N VAL D 169 -8.54 2.99 26.55
CA VAL D 169 -9.67 3.84 26.25
C VAL D 169 -10.97 3.13 26.55
N ASP D 170 -11.15 1.97 25.94
CA ASP D 170 -12.37 1.22 26.11
C ASP D 170 -12.01 -0.25 25.99
N SER D 171 -12.45 -1.05 26.96
CA SER D 171 -12.12 -2.49 27.00
C SER D 171 -12.94 -3.23 25.94
N GLU D 172 -13.86 -2.52 25.30
CA GLU D 172 -14.65 -3.20 24.30
C GLU D 172 -14.09 -3.04 22.90
N TYR D 173 -13.19 -2.09 22.67
CA TYR D 173 -12.56 -2.00 21.36
C TYR D 173 -11.89 -3.30 20.99
N ILE D 174 -11.67 -3.47 19.69
CA ILE D 174 -10.91 -4.60 19.14
C ILE D 174 -9.99 -4.05 18.07
N ALA D 175 -8.69 -4.19 18.29
CA ALA D 175 -7.68 -3.67 17.37
C ALA D 175 -6.80 -4.82 16.88
N THR D 176 -6.57 -4.85 15.56
CA THR D 176 -5.88 -5.95 14.89
C THR D 176 -4.88 -5.34 13.92
N VAL D 177 -3.57 -5.51 14.14
CA VAL D 177 -2.58 -5.07 13.12
C VAL D 177 -2.78 -6.03 11.96
N CYS D 178 -3.24 -5.51 10.83
CA CYS D 178 -3.38 -6.37 9.63
C CYS D 178 -2.23 -5.96 8.72
N GLY D 179 -2.27 -6.33 7.46
CA GLY D 179 -1.22 -5.87 6.53
C GLY D 179 -0.05 -6.80 6.48
N SER D 180 1.07 -6.33 5.92
CA SER D 180 2.28 -7.17 5.79
C SER D 180 2.52 -7.90 7.10
N PHE D 181 2.25 -7.25 8.23
CA PHE D 181 2.43 -7.89 9.54
C PHE D 181 1.57 -9.14 9.68
N ARG D 182 0.28 -9.03 9.37
CA ARG D 182 -0.61 -10.21 9.54
C ARG D 182 -0.18 -11.31 8.59
N ARG D 183 0.62 -10.97 7.59
CA ARG D 183 1.11 -11.97 6.65
C ARG D 183 2.49 -12.52 7.03
N GLY D 184 2.81 -12.57 8.32
CA GLY D 184 4.08 -13.10 8.78
C GLY D 184 5.33 -12.39 8.30
N ALA D 185 5.22 -11.44 7.36
CA ALA D 185 6.37 -10.79 6.74
C ALA D 185 7.42 -10.43 7.78
N GLU D 186 8.68 -10.76 7.49
CA GLU D 186 9.72 -10.45 8.46
C GLU D 186 9.96 -8.94 8.63
N SER D 187 9.44 -8.10 7.73
CA SER D 187 9.47 -6.66 7.94
C SER D 187 8.35 -6.02 7.15
N SER D 188 7.91 -4.85 7.64
CA SER D 188 6.76 -4.17 7.02
C SER D 188 7.09 -2.71 6.70
N GLY D 189 6.31 -2.09 5.81
CA GLY D 189 6.47 -0.70 5.45
C GLY D 189 5.75 0.27 6.36
N ASP D 190 4.45 0.10 6.55
CA ASP D 190 3.71 0.94 7.49
C ASP D 190 3.23 0.07 8.64
N MET D 191 2.40 0.67 9.50
CA MET D 191 1.59 -0.12 10.42
C MET D 191 0.13 0.07 10.02
N ASP D 192 -0.44 -0.99 9.47
CA ASP D 192 -1.87 -1.00 9.12
C ASP D 192 -2.57 -1.59 10.33
N VAL D 193 -3.65 -0.97 10.76
CA VAL D 193 -4.36 -1.37 11.99
C VAL D 193 -5.87 -1.31 11.78
N LEU D 194 -6.57 -2.38 12.17
CA LEU D 194 -8.02 -2.46 12.03
C LEU D 194 -8.68 -2.33 13.39
N LEU D 195 -9.73 -1.51 13.46
CA LEU D 195 -10.35 -1.14 14.72
C LEU D 195 -11.85 -1.41 14.67
N THR D 196 -12.38 -2.03 15.72
CA THR D 196 -13.82 -2.26 15.82
C THR D 196 -14.28 -1.98 17.23
N HIS D 197 -15.51 -1.50 17.34
CA HIS D 197 -16.15 -1.20 18.61
C HIS D 197 -17.62 -1.56 18.46
N PRO D 198 -18.30 -1.90 19.55
CA PRO D 198 -19.70 -2.34 19.42
C PRO D 198 -20.67 -1.22 19.04
N SER D 199 -20.43 -0.01 19.49
CA SER D 199 -21.39 1.09 19.21
C SER D 199 -21.50 1.30 17.69
N PHE D 200 -20.37 1.22 17.00
CA PHE D 200 -20.36 1.42 15.54
C PHE D 200 -20.63 0.11 14.82
N THR D 201 -21.80 0.02 14.19
CA THR D 201 -22.24 -1.16 13.40
C THR D 201 -22.68 -0.69 12.03
N SER D 202 -22.92 -1.59 11.07
CA SER D 202 -23.43 -1.04 9.78
C SER D 202 -24.84 -0.51 10.01
N GLU D 203 -25.53 -1.01 11.04
CA GLU D 203 -26.91 -0.56 11.17
C GLU D 203 -27.03 0.79 11.85
N SER D 204 -26.11 1.04 12.78
CA SER D 204 -26.20 2.25 13.61
C SER D 204 -24.86 2.72 14.16
N THR D 205 -24.79 3.97 14.56
CA THR D 205 -23.60 4.58 15.14
C THR D 205 -23.90 5.01 16.57
N LYS D 206 -23.93 4.05 17.51
CA LYS D 206 -24.32 4.33 18.89
C LYS D 206 -23.31 5.19 19.64
N GLN D 207 -22.16 5.50 19.08
CA GLN D 207 -21.28 6.42 19.81
C GLN D 207 -20.43 7.21 18.84
N PRO D 208 -20.09 8.46 19.13
CA PRO D 208 -19.28 9.25 18.20
C PRO D 208 -17.82 9.22 18.62
N LYS D 209 -16.98 9.89 17.82
CA LYS D 209 -15.54 10.06 18.17
C LYS D 209 -14.85 8.75 18.48
N LEU D 210 -15.36 7.63 17.98
CA LEU D 210 -14.73 6.38 18.39
C LEU D 210 -13.30 6.33 17.88
N LEU D 211 -13.11 6.70 16.63
CA LEU D 211 -11.76 6.85 16.12
C LEU D 211 -11.02 7.95 16.85
N HIS D 212 -11.66 9.11 16.99
CA HIS D 212 -10.98 10.26 17.63
C HIS D 212 -10.34 9.82 18.95
N GLN D 213 -11.14 9.30 19.88
CA GLN D 213 -10.63 8.84 21.17
C GLN D 213 -9.33 8.08 21.03
N VAL D 214 -9.31 7.09 20.14
CA VAL D 214 -8.13 6.25 20.00
C VAL D 214 -6.94 7.09 19.56
N VAL D 215 -7.14 7.91 18.52
CA VAL D 215 -6.10 8.82 18.04
C VAL D 215 -5.64 9.75 19.16
N GLU D 216 -6.54 10.39 19.88
CA GLU D 216 -6.06 11.34 20.90
C GLU D 216 -5.26 10.60 21.97
N GLN D 217 -5.68 9.37 22.30
CA GLN D 217 -4.98 8.62 23.37
C GLN D 217 -3.57 8.25 22.87
N LEU D 218 -3.46 7.65 21.69
CA LEU D 218 -2.16 7.43 21.10
C LEU D 218 -1.38 8.73 20.99
N GLN D 219 -2.07 9.85 20.73
CA GLN D 219 -1.36 11.13 20.71
C GLN D 219 -1.04 11.63 22.10
N LYS D 220 -1.85 11.26 23.09
CA LYS D 220 -1.58 11.71 24.45
C LYS D 220 -0.32 11.06 24.99
N VAL D 221 -0.12 9.80 24.64
CA VAL D 221 1.03 9.00 25.16
C VAL D 221 2.26 9.20 24.28
N HIS D 222 2.21 10.16 23.35
CA HIS D 222 3.36 10.50 22.52
C HIS D 222 3.76 9.32 21.63
N PHE D 223 2.77 8.58 21.15
CA PHE D 223 3.03 7.52 20.19
C PHE D 223 2.84 8.03 18.76
N ILE D 224 1.70 8.67 18.52
CA ILE D 224 1.36 9.26 17.23
C ILE D 224 1.88 10.70 17.23
N THR D 225 2.76 11.03 16.29
CA THR D 225 3.44 12.32 16.31
C THR D 225 2.91 13.31 15.28
N ASP D 226 2.31 12.84 14.19
CA ASP D 226 1.76 13.76 13.20
C ASP D 226 0.61 13.10 12.48
N THR D 227 -0.28 13.96 12.00
CA THR D 227 -1.49 13.56 11.32
C THR D 227 -1.40 13.93 9.84
N LEU D 228 -1.74 13.00 8.97
CA LEU D 228 -1.79 13.25 7.55
C LEU D 228 -3.22 13.42 7.06
N SER D 229 -4.15 12.70 7.67
CA SER D 229 -5.55 12.78 7.29
C SER D 229 -6.33 12.09 8.38
N LYS D 230 -7.42 12.72 8.79
CA LYS D 230 -8.19 12.19 9.94
C LYS D 230 -9.69 12.39 9.70
N GLY D 231 -10.39 11.29 9.55
CA GLY D 231 -11.82 11.36 9.42
C GLY D 231 -12.55 10.60 10.50
N GLU D 232 -13.86 10.42 10.33
CA GLU D 232 -14.62 9.62 11.28
C GLU D 232 -14.15 8.17 11.28
N THR D 233 -13.81 7.62 10.10
CA THR D 233 -13.47 6.21 10.00
C THR D 233 -12.11 5.88 9.40
N LYS D 234 -11.26 6.86 9.08
CA LYS D 234 -9.93 6.50 8.64
C LYS D 234 -8.92 7.49 9.19
N PHE D 235 -7.77 6.97 9.61
CA PHE D 235 -6.67 7.78 10.09
C PHE D 235 -5.41 7.41 9.34
N MET D 236 -4.65 8.42 8.96
CA MET D 236 -3.40 8.20 8.27
C MET D 236 -2.42 9.01 9.11
N GLY D 237 -1.34 8.40 9.58
CA GLY D 237 -0.53 9.18 10.48
C GLY D 237 0.90 8.73 10.60
N VAL D 238 1.63 9.40 11.50
CA VAL D 238 3.03 9.11 11.80
C VAL D 238 3.16 8.78 13.29
N CYS D 239 3.98 7.76 13.61
CA CYS D 239 4.17 7.28 14.98
C CYS D 239 5.63 6.84 15.21
N GLN D 240 5.98 6.71 16.51
CA GLN D 240 7.39 6.52 16.89
C GLN D 240 7.56 5.79 18.22
N LEU D 241 8.20 4.63 18.19
CA LEU D 241 8.53 3.88 19.40
C LEU D 241 9.22 4.79 20.42
N PRO D 242 8.87 4.71 21.70
CA PRO D 242 9.66 5.43 22.71
C PRO D 242 11.05 4.83 22.81
N SER D 243 12.02 5.71 22.91
CA SER D 243 13.42 5.27 22.88
C SER D 243 13.96 5.15 24.30
N LYS D 244 15.21 4.77 24.41
CA LYS D 244 15.84 4.59 25.74
C LYS D 244 16.60 5.86 26.13
N ASN D 245 17.33 5.80 27.24
CA ASN D 245 18.08 6.98 27.74
C ASN D 245 19.39 7.05 26.96
N ASP D 246 19.88 8.26 26.67
CA ASP D 246 21.10 8.39 25.81
C ASP D 246 21.13 7.29 24.77
N GLU D 247 20.02 7.13 24.03
CA GLU D 247 19.97 6.09 22.98
C GLU D 247 19.41 6.69 21.69
N LYS D 248 19.78 6.10 20.55
CA LYS D 248 19.30 6.58 19.23
C LYS D 248 17.77 6.63 19.20
N GLU D 249 17.23 7.56 18.42
CA GLU D 249 15.76 7.67 18.29
C GLU D 249 15.27 6.78 17.15
N TYR D 250 14.45 5.78 17.48
CA TYR D 250 13.79 4.92 16.49
C TYR D 250 13.24 5.75 15.34
N PRO D 251 13.20 5.23 14.11
CA PRO D 251 12.73 6.04 12.98
C PRO D 251 11.25 6.35 13.10
N HIS D 252 10.81 7.40 12.38
CA HIS D 252 9.40 7.75 12.32
C HIS D 252 8.66 6.89 11.31
N ARG D 253 7.50 6.41 11.69
CA ARG D 253 6.86 5.33 10.97
C ARG D 253 5.44 5.71 10.60
N ARG D 254 5.00 5.15 9.48
CA ARG D 254 3.62 5.42 9.01
C ARG D 254 2.65 4.49 9.74
N ILE D 255 1.44 4.95 9.94
CA ILE D 255 0.41 4.17 10.59
C ILE D 255 -0.91 4.56 9.97
N ASP D 256 -1.69 3.53 9.66
CA ASP D 256 -3.03 3.72 9.09
C ASP D 256 -4.04 3.01 9.99
N ILE D 257 -5.00 3.76 10.54
CA ILE D 257 -6.05 3.16 11.36
C ILE D 257 -7.39 3.25 10.63
N ARG D 258 -8.11 2.12 10.56
CA ARG D 258 -9.43 2.03 9.95
C ARG D 258 -10.46 1.58 10.98
N LEU D 259 -11.58 2.27 11.04
CA LEU D 259 -12.70 1.90 11.91
C LEU D 259 -13.78 1.23 11.07
N ILE D 260 -13.82 -0.09 11.18
CA ILE D 260 -14.80 -0.85 10.35
C ILE D 260 -15.98 -1.22 11.24
N PRO D 261 -17.20 -1.16 10.70
CA PRO D 261 -18.38 -1.67 11.43
C PRO D 261 -18.09 -3.08 11.89
N LYS D 262 -18.43 -3.37 13.15
CA LYS D 262 -18.17 -4.69 13.70
C LYS D 262 -18.75 -5.79 12.81
N ASP D 263 -19.96 -5.56 12.31
CA ASP D 263 -20.68 -6.58 11.48
C ASP D 263 -19.89 -6.95 10.24
N GLN D 264 -19.01 -6.06 9.77
CA GLN D 264 -18.27 -6.33 8.53
C GLN D 264 -16.80 -6.54 8.90
N TYR D 265 -16.55 -6.97 10.14
CA TYR D 265 -15.16 -7.13 10.58
C TYR D 265 -14.36 -7.95 9.58
N TYR D 266 -14.90 -9.08 9.15
CA TYR D 266 -14.06 -9.99 8.37
C TYR D 266 -13.82 -9.43 6.97
N CYS D 267 -14.82 -8.77 6.38
CA CYS D 267 -14.60 -8.16 5.07
C CYS D 267 -13.51 -7.09 5.14
N GLY D 268 -13.29 -6.54 6.33
CA GLY D 268 -12.22 -5.58 6.55
C GLY D 268 -10.87 -6.22 6.75
N VAL D 269 -10.83 -7.34 7.47
CA VAL D 269 -9.58 -8.09 7.65
C VAL D 269 -9.04 -8.54 6.29
N LEU D 270 -9.84 -9.30 5.54
CA LEU D 270 -9.43 -9.76 4.21
C LEU D 270 -8.82 -8.59 3.45
N TYR D 271 -9.49 -7.44 3.51
CA TYR D 271 -9.04 -6.26 2.77
C TYR D 271 -7.75 -5.70 3.32
N PHE D 272 -7.68 -5.35 4.61
CA PHE D 272 -6.47 -4.64 5.14
C PHE D 272 -5.30 -5.61 5.29
N THR D 273 -5.55 -6.91 5.17
CA THR D 273 -4.46 -7.87 5.14
C THR D 273 -3.78 -7.88 3.77
N GLY D 274 -4.56 -7.71 2.71
CA GLY D 274 -3.99 -7.65 1.38
C GLY D 274 -3.55 -9.03 0.92
N SER D 275 -2.56 -9.06 0.03
CA SER D 275 -1.82 -7.88 -0.47
C SER D 275 -2.61 -7.11 -1.54
N ASP D 276 -2.04 -5.98 -1.97
CA ASP D 276 -2.74 -5.12 -2.94
C ASP D 276 -2.79 -5.80 -4.30
N ILE D 277 -1.68 -6.36 -4.76
CA ILE D 277 -1.70 -7.18 -5.98
C ILE D 277 -2.66 -8.35 -5.80
N PHE D 278 -2.57 -9.02 -4.65
CA PHE D 278 -3.50 -10.10 -4.33
C PHE D 278 -4.93 -9.59 -4.27
N ASN D 279 -5.14 -8.41 -3.67
CA ASN D 279 -6.49 -7.91 -3.52
C ASN D 279 -7.15 -7.66 -4.87
N LYS D 280 -6.46 -6.93 -5.76
CA LYS D 280 -6.98 -6.78 -7.11
C LYS D 280 -7.03 -8.11 -7.84
N ASN D 281 -6.21 -9.09 -7.45
CA ASN D 281 -6.22 -10.43 -8.09
C ASN D 281 -7.47 -11.20 -7.65
N MET D 282 -7.93 -10.95 -6.43
CA MET D 282 -9.07 -11.65 -5.86
C MET D 282 -10.37 -10.94 -6.17
N ARG D 283 -10.31 -9.61 -6.23
CA ARG D 283 -11.44 -8.81 -6.68
C ARG D 283 -11.75 -9.07 -8.15
N ALA D 284 -10.72 -9.12 -8.99
CA ALA D 284 -10.91 -9.41 -10.41
C ALA D 284 -11.39 -10.84 -10.66
N HIS D 285 -11.18 -11.76 -9.73
CA HIS D 285 -11.76 -13.10 -9.86
C HIS D 285 -13.19 -13.18 -9.31
N ALA D 286 -13.57 -12.28 -8.40
CA ALA D 286 -14.95 -12.23 -7.93
C ALA D 286 -15.90 -11.76 -9.04
N LEU D 287 -15.49 -10.77 -9.84
CA LEU D 287 -16.33 -10.28 -10.94
C LEU D 287 -16.67 -11.39 -11.93
N GLU D 288 -15.66 -12.17 -12.37
CA GLU D 288 -15.88 -13.22 -13.36
C GLU D 288 -16.66 -14.39 -12.78
N LYS D 289 -16.45 -14.70 -11.50
CA LYS D 289 -17.30 -15.66 -10.79
C LYS D 289 -18.65 -15.07 -10.41
N GLY D 290 -18.90 -13.80 -10.73
CA GLY D 290 -20.20 -13.20 -10.56
C GLY D 290 -20.41 -12.56 -9.20
N PHE D 291 -19.37 -11.90 -8.67
CA PHE D 291 -19.44 -11.33 -7.33
C PHE D 291 -18.71 -9.99 -7.33
N THR D 292 -18.94 -9.24 -6.25
CA THR D 292 -18.25 -7.95 -5.99
C THR D 292 -17.80 -7.98 -4.54
N ILE D 293 -16.51 -7.82 -4.29
CA ILE D 293 -15.94 -7.92 -2.93
C ILE D 293 -15.27 -6.58 -2.60
N ASN D 294 -15.74 -5.94 -1.53
CA ASN D 294 -15.16 -4.72 -0.99
C ASN D 294 -14.97 -4.88 0.50
N GLU D 295 -14.24 -3.93 1.11
CA GLU D 295 -13.92 -4.01 2.52
C GLU D 295 -15.15 -4.08 3.43
N TYR D 296 -16.36 -3.83 2.92
CA TYR D 296 -17.54 -3.94 3.78
C TYR D 296 -18.34 -5.21 3.52
N THR D 297 -18.48 -5.58 2.24
CA THR D 297 -19.44 -6.58 1.78
C THR D 297 -18.88 -7.38 0.61
N ILE D 298 -19.56 -8.50 0.33
CA ILE D 298 -19.49 -9.17 -0.95
C ILE D 298 -20.91 -9.36 -1.47
N ARG D 299 -21.13 -8.87 -2.67
CA ARG D 299 -22.53 -8.84 -3.13
C ARG D 299 -22.69 -9.64 -4.41
N PRO D 300 -23.93 -10.03 -4.78
CA PRO D 300 -24.14 -10.86 -5.94
C PRO D 300 -24.38 -10.02 -7.20
N ALA D 307 -25.61 -5.13 -8.16
CA ALA D 307 -25.10 -5.89 -7.03
C ALA D 307 -26.09 -5.94 -5.86
N GLY D 308 -26.47 -7.15 -5.49
CA GLY D 308 -27.57 -7.36 -4.57
C GLY D 308 -27.25 -7.09 -3.12
N GLU D 309 -27.89 -7.86 -2.25
CA GLU D 309 -27.91 -7.64 -0.83
C GLU D 309 -26.65 -8.26 -0.21
N PRO D 310 -26.26 -7.86 1.02
CA PRO D 310 -25.00 -8.36 1.57
C PRO D 310 -25.05 -9.85 1.86
N LEU D 311 -24.21 -10.63 1.18
CA LEU D 311 -24.04 -12.03 1.53
C LEU D 311 -23.51 -12.11 2.97
N PRO D 312 -23.92 -13.14 3.73
CA PRO D 312 -23.47 -13.25 5.13
C PRO D 312 -22.04 -13.76 5.21
N VAL D 313 -21.33 -13.32 6.26
CA VAL D 313 -19.92 -13.63 6.39
C VAL D 313 -19.58 -13.80 7.87
N ASP D 314 -19.01 -14.96 8.22
CA ASP D 314 -18.46 -15.17 9.57
C ASP D 314 -17.11 -15.91 9.53
N SER D 315 -16.38 -15.77 8.43
CA SER D 315 -15.01 -16.26 8.29
C SER D 315 -14.42 -15.58 7.07
N GLU D 316 -13.10 -15.48 7.05
CA GLU D 316 -12.42 -15.06 5.83
C GLU D 316 -12.56 -16.09 4.73
N LYS D 317 -12.45 -17.38 5.06
CA LYS D 317 -12.61 -18.46 4.06
C LYS D 317 -14.00 -18.35 3.40
N ASP D 318 -15.02 -18.00 4.18
CA ASP D 318 -16.35 -17.79 3.60
C ASP D 318 -16.29 -17.03 2.29
N ILE D 319 -15.46 -15.98 2.23
CA ILE D 319 -15.36 -15.22 0.99
C ILE D 319 -14.70 -16.08 -0.08
N PHE D 320 -13.71 -16.88 0.32
CA PHE D 320 -12.94 -17.64 -0.66
C PHE D 320 -13.78 -18.68 -1.38
N ASP D 321 -14.64 -19.37 -0.64
CA ASP D 321 -15.46 -20.39 -1.27
C ASP D 321 -16.42 -19.77 -2.26
N TYR D 322 -16.89 -18.56 -1.96
CA TYR D 322 -17.85 -17.88 -2.83
C TYR D 322 -17.34 -17.72 -4.25
N ILE D 323 -16.02 -17.64 -4.41
CA ILE D 323 -15.43 -17.45 -5.76
C ILE D 323 -14.60 -18.69 -6.12
N GLN D 324 -14.94 -19.83 -5.53
CA GLN D 324 -14.17 -21.07 -5.82
C GLN D 324 -12.67 -20.79 -5.68
N TRP D 325 -12.23 -20.32 -4.52
CA TRP D 325 -10.84 -20.11 -4.22
C TRP D 325 -10.49 -20.92 -2.98
N LYS D 326 -9.52 -21.82 -3.13
CA LYS D 326 -8.96 -22.46 -1.95
C LYS D 326 -8.45 -21.38 -1.01
N TYR D 327 -8.70 -21.58 0.29
CA TYR D 327 -8.27 -20.57 1.28
C TYR D 327 -6.76 -20.45 1.25
N ARG D 328 -6.29 -19.22 1.09
CA ARG D 328 -4.83 -18.97 1.10
C ARG D 328 -4.49 -18.34 2.45
N GLU D 329 -3.83 -19.09 3.32
CA GLU D 329 -3.41 -18.57 4.65
C GLU D 329 -2.83 -17.18 4.47
N PRO D 330 -3.12 -16.23 5.37
CA PRO D 330 -2.57 -14.89 5.28
C PRO D 330 -1.08 -14.86 4.85
N LYS D 331 -0.28 -15.84 5.28
CA LYS D 331 1.18 -15.85 4.94
C LYS D 331 1.38 -16.02 3.43
N ASP D 332 0.40 -16.61 2.72
CA ASP D 332 0.55 -16.91 1.26
C ASP D 332 -0.11 -15.83 0.38
N ARG D 333 -0.81 -14.85 0.97
CA ARG D 333 -1.42 -13.78 0.18
C ARG D 333 -0.38 -12.71 -0.13
N SER D 334 0.80 -13.12 -0.58
CA SER D 334 1.92 -12.20 -0.86
C SER D 334 2.15 -12.21 -2.36
N GLU D 335 1.13 -11.79 -3.12
CA GLU D 335 1.16 -11.97 -4.58
C GLU D 335 1.87 -10.86 -5.34
PG G2P E . 3.84 -3.00 3.33
O1G G2P E . 5.27 -3.48 2.99
O2G G2P E . 3.70 -1.59 2.85
O3G G2P E . 3.68 -3.01 4.78
O3B G2P E . 2.72 -4.00 2.60
PB G2P E . 1.06 -3.92 2.58
O1B G2P E . 0.48 -3.89 3.99
O2B G2P E . 0.50 -5.22 2.03
C3A G2P E . 0.46 -2.58 1.47
PA G2P E . -0.20 -1.04 2.23
O1A G2P E . 0.62 -0.65 3.46
O2A G2P E . -0.10 0.11 1.23
O5' G2P E . -1.77 -1.22 2.64
C5' G2P E . -2.11 -2.34 3.49
C4' G2P E . -3.33 -3.07 2.93
O4' G2P E . -4.17 -2.21 2.47
C3' G2P E . -2.95 -3.94 1.70
O3' G2P E . -2.45 -5.13 2.08
C2' G2P E . -4.28 -4.09 1.05
C1' G2P E . -4.82 -2.87 1.17
N9 G2P E . -4.46 -2.11 0.01
C8 G2P E . -3.41 -1.25 -0.14
N7 G2P E . -3.44 -0.79 -1.41
C5 G2P E . -4.49 -1.34 -2.01
C6 G2P E . -5.06 -1.22 -3.45
O6 G2P E . -4.53 -0.51 -4.24
N1 G2P E . -6.21 -1.95 -3.82
C2 G2P E . -6.85 -2.83 -2.85
N2 G2P E . -8.02 -3.57 -3.22
N3 G2P E . -6.32 -2.94 -1.51
C4 G2P E . -5.11 -2.17 -1.12
NA NA F . 3.95 10.18 -3.17
MN MN G . 1.11 -2.40 5.09
MN MN H . -1.21 1.09 4.44
#